data_8XLZ
#
_entry.id   8XLZ
#
_cell.length_a   139.747
_cell.length_b   53.210
_cell.length_c   77.550
_cell.angle_alpha   90.00
_cell.angle_beta   116.42
_cell.angle_gamma   90.00
#
_symmetry.space_group_name_H-M   'C 1 2 1'
#
loop_
_entity.id
_entity.type
_entity.pdbx_description
1 polymer 'Glycosyltransferase family 25 protein'
2 non-polymer "URIDINE-5'-DIPHOSPHATE"
3 non-polymer 'MAGNESIUM ION'
4 water water
#
_entity_poly.entity_id   1
_entity_poly.type   'polypeptide(L)'
_entity_poly.pdbx_seq_one_letter_code
;MNSTENKNFVISISTAEQRRNHIIEQFTHQNIPFEFFDAFTPSDKLTDHLQRYLPNVANAAQLTMGEKGCLMSHFMLWKK
CIDENLDYITLFEDDILLGENANKFLAEGDWLKVRFNFQEIFVLRLETFLMPVQLEKQTQIPPFQQRDIDILTSMDWGTA
GYVISQGAAKYLIALFEKLTTEEIMPIDEIMFNQQINATDYRVYQLNPAICVQELVLNQEASLLVSNLEQERKINLKYEK
RKHLEHHHHHH
;
_entity_poly.pdbx_strand_id   A,B
#
loop_
_chem_comp.id
_chem_comp.type
_chem_comp.name
_chem_comp.formula
MG non-polymer 'MAGNESIUM ION' 'Mg 2'
UDP RNA linking URIDINE-5'-DIPHOSPHATE 'C9 H14 N2 O12 P2'
#
# COMPACT_ATOMS: atom_id res chain seq x y z
N GLU A 5 8.66 -29.19 18.05
CA GLU A 5 8.66 -27.91 18.82
C GLU A 5 7.84 -26.82 18.08
N ASN A 6 6.91 -26.18 18.80
CA ASN A 6 6.00 -25.19 18.23
C ASN A 6 6.67 -23.91 17.72
N LYS A 7 6.36 -23.57 16.48
CA LYS A 7 6.87 -22.38 15.82
C LYS A 7 5.81 -21.28 15.62
N ASN A 8 4.53 -21.62 15.78
CA ASN A 8 3.44 -20.69 15.52
C ASN A 8 2.98 -19.92 16.76
N PHE A 9 3.05 -18.60 16.72
CA PHE A 9 2.65 -17.78 17.81
C PHE A 9 1.61 -16.79 17.33
N VAL A 10 0.53 -16.67 18.09
CA VAL A 10 -0.54 -15.75 17.76
C VAL A 10 -0.59 -14.63 18.82
N ILE A 11 -0.31 -13.42 18.37
CA ILE A 11 -0.31 -12.24 19.21
C ILE A 11 -1.75 -11.84 19.51
N SER A 12 -2.12 -11.79 20.79
CA SER A 12 -3.52 -11.60 21.18
C SER A 12 -3.61 -11.02 22.57
N ILE A 13 -4.42 -9.98 22.73
CA ILE A 13 -4.64 -9.38 24.03
C ILE A 13 -5.26 -10.47 24.93
N SER A 14 -4.76 -10.64 26.15
CA SER A 14 -5.15 -11.79 27.00
C SER A 14 -6.66 -11.84 27.24
N THR A 15 -7.30 -10.68 27.32
CA THR A 15 -8.75 -10.58 27.53
C THR A 15 -9.61 -10.62 26.23
N ALA A 16 -8.99 -10.85 25.07
CA ALA A 16 -9.73 -10.75 23.80
C ALA A 16 -10.44 -12.06 23.45
N GLU A 17 -11.47 -12.37 24.24
CA GLU A 17 -12.07 -13.71 24.24
C GLU A 17 -12.65 -14.14 22.90
N GLN A 18 -13.35 -13.23 22.24
CA GLN A 18 -13.99 -13.53 20.95
C GLN A 18 -12.96 -13.86 19.86
N ARG A 19 -11.90 -13.05 19.77
CA ARG A 19 -10.81 -13.34 18.83
C ARG A 19 -10.11 -14.66 19.18
N ARG A 20 -9.81 -14.90 20.46
CA ARG A 20 -9.10 -16.12 20.84
C ARG A 20 -9.91 -17.36 20.53
N ASN A 21 -11.23 -17.28 20.73
CA ASN A 21 -12.11 -18.40 20.35
C ASN A 21 -12.07 -18.65 18.85
N HIS A 22 -12.09 -17.58 18.06
CA HIS A 22 -12.04 -17.73 16.60
CA HIS A 22 -12.03 -17.73 16.60
C HIS A 22 -10.70 -18.34 16.18
N ILE A 23 -9.60 -17.90 16.82
CA ILE A 23 -8.27 -18.46 16.54
C ILE A 23 -8.21 -19.96 16.91
N ILE A 24 -8.64 -20.29 18.13
CA ILE A 24 -8.66 -21.68 18.62
C ILE A 24 -9.40 -22.58 17.64
N GLU A 25 -10.62 -22.16 17.29
CA GLU A 25 -11.47 -22.86 16.35
C GLU A 25 -10.76 -23.12 15.04
N GLN A 26 -10.10 -22.10 14.50
CA GLN A 26 -9.50 -22.22 13.19
C GLN A 26 -8.28 -23.09 13.15
N PHE A 27 -7.41 -22.92 14.13
CA PHE A 27 -6.19 -23.71 14.20
C PHE A 27 -6.51 -25.18 14.50
N THR A 28 -7.39 -25.44 15.47
CA THR A 28 -7.73 -26.83 15.81
C THR A 28 -8.43 -27.56 14.65
N HIS A 29 -9.36 -26.89 13.97
CA HIS A 29 -10.06 -27.46 12.79
C HIS A 29 -9.13 -27.86 11.63
N GLN A 30 -7.95 -27.23 11.53
CA GLN A 30 -6.95 -27.63 10.54
C GLN A 30 -5.80 -28.40 11.18
N ASN A 31 -5.88 -28.66 12.49
CA ASN A 31 -4.85 -29.39 13.24
C ASN A 31 -3.48 -28.73 13.17
N ILE A 32 -3.47 -27.43 13.44
CA ILE A 32 -2.24 -26.65 13.42
C ILE A 32 -1.95 -26.26 14.84
N PRO A 33 -0.82 -26.71 15.40
CA PRO A 33 -0.49 -26.28 16.74
C PRO A 33 -0.07 -24.81 16.75
N PHE A 34 -0.25 -24.15 17.89
CA PHE A 34 0.15 -22.75 18.06
C PHE A 34 0.12 -22.43 19.53
N GLU A 35 0.72 -21.30 19.91
CA GLU A 35 0.54 -20.74 21.24
C GLU A 35 0.14 -19.30 21.11
N PHE A 36 -0.63 -18.83 22.09
CA PHE A 36 -0.94 -17.42 22.20
C PHE A 36 0.25 -16.73 22.81
N PHE A 37 0.55 -15.54 22.29
CA PHE A 37 1.48 -14.64 22.96
C PHE A 37 0.65 -13.47 23.46
N ASP A 38 0.66 -13.25 24.78
CA ASP A 38 -0.09 -12.15 25.41
C ASP A 38 0.42 -10.80 24.91
N ALA A 39 -0.42 -10.12 24.13
CA ALA A 39 -0.03 -8.86 23.53
C ALA A 39 0.21 -7.79 24.58
N PHE A 40 1.18 -6.93 24.32
CA PHE A 40 1.38 -5.74 25.15
C PHE A 40 0.30 -4.73 24.82
N THR A 41 -0.31 -4.15 25.85
CA THR A 41 -1.33 -3.09 25.69
C THR A 41 -0.91 -1.85 26.46
N PRO A 42 -1.59 -0.73 26.25
CA PRO A 42 -1.20 0.47 27.03
C PRO A 42 -1.35 0.18 28.51
N SER A 43 -0.26 0.27 29.24
CA SER A 43 -0.15 -0.37 30.57
C SER A 43 1.22 -0.06 31.16
N ASP A 44 1.37 -0.32 32.45
CA ASP A 44 2.65 -0.19 33.13
C ASP A 44 3.72 -1.09 32.47
N LYS A 45 3.29 -2.31 32.10
CA LYS A 45 4.19 -3.29 31.54
C LYS A 45 4.77 -2.80 30.21
N LEU A 46 3.89 -2.27 29.33
CA LEU A 46 4.34 -1.76 28.04
C LEU A 46 5.25 -0.58 28.24
N THR A 47 4.84 0.34 29.11
CA THR A 47 5.65 1.52 29.38
C THR A 47 7.04 1.14 29.86
N ASP A 48 7.09 0.18 30.78
CA ASP A 48 8.36 -0.33 31.30
C ASP A 48 9.18 -1.01 30.20
N HIS A 49 8.53 -1.83 29.36
CA HIS A 49 9.26 -2.52 28.30
C HIS A 49 9.80 -1.54 27.27
N LEU A 50 9.02 -0.51 26.96
CA LEU A 50 9.48 0.52 26.02
C LEU A 50 10.73 1.19 26.60
N GLN A 51 10.63 1.60 27.85
CA GLN A 51 11.75 2.29 28.48
C GLN A 51 13.04 1.43 28.49
N ARG A 52 12.90 0.15 28.81
CA ARG A 52 14.04 -0.72 28.93
C ARG A 52 14.58 -1.23 27.59
N TYR A 53 13.70 -1.67 26.69
CA TYR A 53 14.13 -2.27 25.42
C TYR A 53 14.16 -1.31 24.22
N LEU A 54 13.25 -0.35 24.15
CA LEU A 54 13.12 0.55 23.00
C LEU A 54 12.89 2.00 23.44
N PRO A 55 13.88 2.56 24.15
CA PRO A 55 13.64 3.88 24.76
C PRO A 55 13.25 4.96 23.77
N ASN A 56 13.80 4.88 22.56
CA ASN A 56 13.44 5.84 21.50
C ASN A 56 12.01 5.76 21.01
N VAL A 57 11.37 4.59 21.16
CA VAL A 57 9.98 4.45 20.75
C VAL A 57 9.04 5.05 21.78
N ALA A 58 9.39 4.99 23.07
CA ALA A 58 8.52 5.56 24.11
C ALA A 58 8.19 7.03 23.81
N ASN A 59 9.20 7.77 23.35
CA ASN A 59 9.05 9.17 22.98
C ASN A 59 8.32 9.47 21.66
N ALA A 60 8.16 8.46 20.81
CA ALA A 60 7.70 8.70 19.45
C ALA A 60 6.21 8.99 19.44
N ALA A 61 5.88 10.25 19.26
CA ALA A 61 4.47 10.64 19.26
C ALA A 61 3.70 10.20 18.00
N GLN A 62 4.41 9.80 16.95
CA GLN A 62 3.78 9.36 15.69
C GLN A 62 3.10 7.98 15.72
N LEU A 63 3.38 7.16 16.73
CA LEU A 63 2.63 5.90 16.94
C LEU A 63 1.75 6.05 18.18
N THR A 64 0.56 5.48 18.14
CA THR A 64 -0.29 5.44 19.30
C THR A 64 0.29 4.40 20.26
N MET A 65 -0.09 4.47 21.53
CA MET A 65 0.40 3.52 22.49
C MET A 65 -0.01 2.09 22.09
N GLY A 66 -1.20 1.96 21.52
CA GLY A 66 -1.68 0.68 21.02
C GLY A 66 -0.77 0.12 19.93
N GLU A 67 -0.35 1.01 19.03
CA GLU A 67 0.57 0.62 17.98
C GLU A 67 1.93 0.24 18.57
N LYS A 68 2.36 0.95 19.61
CA LYS A 68 3.58 0.59 20.29
C LYS A 68 3.46 -0.76 20.97
N GLY A 69 2.28 -1.07 21.47
CA GLY A 69 2.04 -2.37 22.07
C GLY A 69 2.17 -3.51 21.04
N CYS A 70 1.56 -3.32 19.87
CA CYS A 70 1.67 -4.30 18.79
C CYS A 70 3.15 -4.48 18.37
N LEU A 71 3.85 -3.36 18.17
CA LEU A 71 5.28 -3.38 17.88
C LEU A 71 6.08 -4.17 18.95
N MET A 72 5.81 -3.91 20.22
CA MET A 72 6.55 -4.54 21.33
C MET A 72 6.29 -6.04 21.30
N SER A 73 5.09 -6.43 20.93
CA SER A 73 4.72 -7.85 20.90
C SER A 73 5.52 -8.60 19.82
N HIS A 74 5.55 -8.06 18.61
CA HIS A 74 6.40 -8.60 17.54
C HIS A 74 7.87 -8.64 17.98
N PHE A 75 8.33 -7.54 18.50
CA PHE A 75 9.71 -7.39 18.88
C PHE A 75 10.16 -8.39 19.94
N MET A 76 9.34 -8.60 20.96
CA MET A 76 9.67 -9.58 21.97
C MET A 76 9.59 -10.99 21.43
N LEU A 77 8.74 -11.24 20.45
CA LEU A 77 8.74 -12.55 19.79
C LEU A 77 10.00 -12.77 18.98
N TRP A 78 10.51 -11.72 18.34
CA TRP A 78 11.78 -11.83 17.63
C TRP A 78 12.89 -12.12 18.64
N LYS A 79 12.84 -11.46 19.79
CA LYS A 79 13.80 -11.67 20.86
C LYS A 79 13.75 -13.12 21.36
N LYS A 80 12.56 -13.67 21.45
CA LYS A 80 12.39 -15.07 21.80
C LYS A 80 13.07 -15.98 20.78
N CYS A 81 12.87 -15.68 19.49
CA CYS A 81 13.54 -16.39 18.42
C CYS A 81 15.07 -16.42 18.64
N ILE A 82 15.66 -15.29 18.97
CA ILE A 82 17.08 -15.20 19.22
C ILE A 82 17.48 -15.97 20.49
N ASP A 83 16.81 -15.71 21.62
CA ASP A 83 17.19 -16.36 22.89
C ASP A 83 17.15 -17.87 22.81
N GLU A 84 16.13 -18.38 22.14
CA GLU A 84 15.95 -19.79 22.02
C GLU A 84 16.63 -20.41 20.81
N ASN A 85 17.41 -19.59 20.09
CA ASN A 85 18.09 -20.02 18.88
C ASN A 85 17.21 -20.82 17.93
N LEU A 86 15.99 -20.33 17.68
CA LEU A 86 15.09 -20.97 16.72
C LEU A 86 15.51 -20.59 15.31
N ASP A 87 15.44 -21.54 14.38
CA ASP A 87 15.75 -21.28 12.97
C ASP A 87 14.79 -20.24 12.40
N TYR A 88 13.52 -20.34 12.78
CA TYR A 88 12.50 -19.40 12.41
C TYR A 88 11.37 -19.41 13.45
N ILE A 89 10.53 -18.38 13.40
CA ILE A 89 9.32 -18.34 14.20
C ILE A 89 8.25 -17.80 13.25
N THR A 90 7.00 -18.19 13.47
CA THR A 90 5.93 -17.89 12.56
C THR A 90 4.91 -17.11 13.33
N LEU A 91 4.69 -15.86 12.95
CA LEU A 91 3.89 -14.95 13.77
C LEU A 91 2.58 -14.62 13.09
N PHE A 92 1.50 -14.64 13.89
CA PHE A 92 0.18 -14.21 13.47
C PHE A 92 -0.38 -13.17 14.41
N GLU A 93 -1.33 -12.40 13.89
CA GLU A 93 -2.14 -11.53 14.71
C GLU A 93 -3.52 -12.16 14.85
N ASP A 94 -4.23 -11.80 15.92
CA ASP A 94 -5.35 -12.65 16.33
C ASP A 94 -6.66 -12.40 15.59
N ASP A 95 -6.59 -11.67 14.49
CA ASP A 95 -7.72 -11.53 13.61
C ASP A 95 -7.58 -12.27 12.26
N ILE A 96 -6.59 -13.15 12.09
CA ILE A 96 -6.44 -13.81 10.78
C ILE A 96 -7.49 -14.89 10.59
N LEU A 97 -7.78 -15.13 9.32
CA LEU A 97 -8.59 -16.25 8.88
C LEU A 97 -7.69 -17.09 8.03
N LEU A 98 -7.59 -18.37 8.35
CA LEU A 98 -6.74 -19.29 7.60
C LEU A 98 -7.45 -19.75 6.34
N GLY A 99 -6.73 -19.76 5.23
CA GLY A 99 -7.20 -20.31 3.99
C GLY A 99 -7.39 -21.82 4.07
N GLU A 100 -7.83 -22.38 2.95
CA GLU A 100 -8.24 -23.77 2.86
C GLU A 100 -7.14 -24.77 3.30
N ASN A 101 -6.02 -24.79 2.58
CA ASN A 101 -4.99 -25.79 2.84
C ASN A 101 -3.85 -25.23 3.69
N ALA A 102 -4.20 -24.38 4.65
CA ALA A 102 -3.19 -23.69 5.47
C ALA A 102 -2.36 -24.69 6.29
N ASN A 103 -2.98 -25.80 6.69
CA ASN A 103 -2.27 -26.82 7.45
C ASN A 103 -1.05 -27.44 6.75
N LYS A 104 -1.04 -27.46 5.42
CA LYS A 104 0.10 -28.00 4.66
C LYS A 104 1.32 -27.09 4.87
N PHE A 105 1.07 -25.82 5.17
CA PHE A 105 2.10 -24.83 5.32
C PHE A 105 2.49 -24.60 6.78
N LEU A 106 1.54 -24.73 7.71
CA LEU A 106 1.74 -24.27 9.09
C LEU A 106 1.90 -25.35 10.14
N ALA A 107 1.41 -26.56 9.87
CA ALA A 107 1.51 -27.64 10.86
C ALA A 107 2.88 -28.28 10.89
N GLU A 108 3.58 -28.21 9.76
CA GLU A 108 4.93 -28.74 9.60
C GLU A 108 5.80 -27.69 8.94
N GLY A 109 7.09 -27.80 9.21
CA GLY A 109 8.06 -26.91 8.61
C GLY A 109 9.05 -27.49 7.64
N ASP A 110 8.90 -28.76 7.19
CA ASP A 110 9.91 -29.34 6.30
C ASP A 110 10.00 -28.61 4.98
N TRP A 111 8.86 -28.18 4.45
CA TRP A 111 8.87 -27.40 3.21
C TRP A 111 9.73 -26.14 3.31
N LEU A 112 9.78 -25.53 4.48
CA LEU A 112 10.71 -24.41 4.71
C LEU A 112 12.17 -24.84 4.88
N LYS A 113 12.37 -25.89 5.65
CA LYS A 113 13.74 -26.38 5.95
C LYS A 113 14.46 -26.89 4.72
N VAL A 114 13.73 -27.43 3.75
CA VAL A 114 14.39 -27.83 2.50
C VAL A 114 14.55 -26.67 1.51
N ARG A 115 13.95 -25.52 1.80
CA ARG A 115 14.02 -24.38 0.87
C ARG A 115 14.97 -23.28 1.26
N PHE A 116 15.03 -22.96 2.55
CA PHE A 116 15.78 -21.79 3.00
C PHE A 116 16.93 -22.12 3.92
N ASN A 117 17.95 -21.31 3.85
CA ASN A 117 18.99 -21.22 4.88
C ASN A 117 18.54 -20.16 5.89
N PHE A 118 18.24 -20.54 7.14
CA PHE A 118 17.64 -19.64 8.10
C PHE A 118 18.60 -18.64 8.74
N GLN A 119 19.88 -18.78 8.43
CA GLN A 119 20.87 -17.77 8.70
C GLN A 119 20.79 -16.62 7.70
N GLU A 120 20.14 -16.85 6.56
CA GLU A 120 19.88 -15.76 5.65
C GLU A 120 18.79 -14.89 6.25
N ILE A 121 18.71 -13.67 5.75
CA ILE A 121 17.88 -12.63 6.33
C ILE A 121 16.62 -12.46 5.48
N PHE A 122 15.51 -13.03 5.95
CA PHE A 122 14.26 -12.92 5.23
C PHE A 122 13.02 -13.07 6.09
N VAL A 123 11.94 -12.49 5.57
CA VAL A 123 10.62 -12.71 6.07
C VAL A 123 9.82 -13.29 4.90
N LEU A 124 8.95 -14.25 5.20
CA LEU A 124 8.05 -14.80 4.22
C LEU A 124 6.64 -14.47 4.64
N ARG A 125 5.99 -13.55 3.91
CA ARG A 125 4.61 -13.18 4.24
C ARG A 125 3.69 -14.27 3.79
N LEU A 126 2.75 -14.59 4.65
CA LEU A 126 1.77 -15.61 4.40
C LEU A 126 0.38 -15.03 4.04
N GLU A 127 0.15 -13.76 4.36
CA GLU A 127 -1.18 -13.19 4.18
C GLU A 127 -1.36 -12.49 2.82
N THR A 128 -2.57 -12.05 2.55
CA THR A 128 -2.89 -11.39 1.30
C THR A 128 -2.03 -10.16 1.11
N PHE A 129 -1.83 -9.78 -0.15
CA PHE A 129 -0.86 -8.75 -0.50
C PHE A 129 -1.50 -7.61 -1.33
N LEU A 130 -2.75 -7.29 -1.06
CA LEU A 130 -3.38 -6.13 -1.68
C LEU A 130 -2.94 -4.86 -0.95
N MET A 131 -2.83 -3.75 -1.69
CA MET A 131 -2.60 -2.46 -1.06
C MET A 131 -3.63 -2.22 0.06
N PRO A 132 -3.16 -1.71 1.22
CA PRO A 132 -4.03 -1.64 2.38
C PRO A 132 -4.96 -0.44 2.32
N VAL A 133 -6.21 -0.74 2.07
CA VAL A 133 -7.19 0.28 1.77
C VAL A 133 -8.47 0.00 2.55
N GLN A 134 -9.18 1.03 2.95
CA GLN A 134 -10.57 0.83 3.44
C GLN A 134 -11.60 1.85 2.91
N LEU A 135 -12.79 1.34 2.66
CA LEU A 135 -13.91 2.07 2.10
C LEU A 135 -14.93 2.31 3.19
N GLU A 136 -15.26 3.59 3.42
CA GLU A 136 -16.39 4.01 4.27
C GLU A 136 -17.55 4.40 3.36
N LYS A 137 -18.70 3.79 3.59
CA LYS A 137 -19.91 4.17 2.89
C LYS A 137 -20.37 5.55 3.38
N GLN A 138 -21.06 6.29 2.52
CA GLN A 138 -21.68 7.56 2.93
C GLN A 138 -22.95 7.73 2.12
N THR A 139 -23.89 8.48 2.68
CA THR A 139 -25.26 8.56 2.15
C THR A 139 -25.62 9.95 1.64
N GLN A 140 -24.78 10.94 1.92
CA GLN A 140 -25.11 12.34 1.66
C GLN A 140 -24.86 12.75 0.21
N ILE A 141 -23.82 12.18 -0.41
CA ILE A 141 -23.56 12.35 -1.84
C ILE A 141 -24.17 11.14 -2.56
N PRO A 142 -25.19 11.36 -3.41
CA PRO A 142 -25.88 10.20 -3.95
C PRO A 142 -25.11 9.40 -4.97
N PRO A 143 -25.39 8.08 -5.05
CA PRO A 143 -24.80 7.26 -6.10
C PRO A 143 -25.20 7.73 -7.48
N PHE A 144 -24.46 7.25 -8.47
CA PHE A 144 -24.72 7.60 -9.85
C PHE A 144 -24.52 6.39 -10.74
N GLN A 145 -25.53 6.08 -11.56
CA GLN A 145 -25.46 4.96 -12.49
C GLN A 145 -25.12 3.68 -11.74
N GLN A 146 -25.82 3.47 -10.63
CA GLN A 146 -25.65 2.31 -9.78
C GLN A 146 -24.22 2.12 -9.25
N ARG A 147 -23.49 3.22 -9.08
CA ARG A 147 -22.17 3.17 -8.47
C ARG A 147 -22.14 4.10 -7.26
N ASP A 148 -21.67 3.57 -6.14
CA ASP A 148 -21.54 4.30 -4.92
C ASP A 148 -20.32 5.21 -4.99
N ILE A 149 -20.39 6.27 -4.20
CA ILE A 149 -19.25 7.14 -3.97
C ILE A 149 -18.85 6.87 -2.54
N ASP A 150 -17.79 6.08 -2.36
CA ASP A 150 -17.29 5.73 -1.02
C ASP A 150 -16.15 6.61 -0.68
N ILE A 151 -15.83 6.68 0.61
CA ILE A 151 -14.69 7.44 1.11
C ILE A 151 -13.54 6.45 1.32
N LEU A 152 -12.43 6.73 0.66
CA LEU A 152 -11.29 5.84 0.61
C LEU A 152 -10.15 6.36 1.50
N THR A 153 -9.72 5.52 2.42
CA THR A 153 -8.52 5.81 3.20
C THR A 153 -7.52 4.68 3.07
N SER A 154 -6.26 5.02 3.32
CA SER A 154 -5.21 4.04 3.41
C SER A 154 -5.06 3.60 4.89
N MET A 155 -4.70 2.35 5.10
CA MET A 155 -4.32 1.85 6.42
C MET A 155 -2.96 1.16 6.35
N ASP A 156 -2.46 0.72 7.50
CA ASP A 156 -1.19 0.04 7.56
C ASP A 156 -1.32 -1.29 6.82
N TRP A 157 -0.27 -1.70 6.15
CA TRP A 157 -0.27 -3.03 5.54
C TRP A 157 -0.15 -4.09 6.64
N GLY A 158 -0.57 -5.31 6.31
CA GLY A 158 -0.67 -6.39 7.27
C GLY A 158 0.64 -6.91 7.81
N THR A 159 0.66 -7.21 9.11
CA THR A 159 1.74 -7.94 9.78
C THR A 159 1.12 -9.07 10.52
N ALA A 160 0.10 -9.63 9.89
CA ALA A 160 -0.80 -10.58 10.55
C ALA A 160 -0.45 -12.01 10.32
N GLY A 161 0.52 -12.29 9.43
CA GLY A 161 0.97 -13.64 9.21
C GLY A 161 2.24 -13.68 8.45
N TYR A 162 3.34 -14.03 9.12
CA TYR A 162 4.62 -14.16 8.47
C TYR A 162 5.59 -15.08 9.20
N VAL A 163 6.48 -15.69 8.42
CA VAL A 163 7.59 -16.46 8.92
C VAL A 163 8.81 -15.54 8.92
N ILE A 164 9.55 -15.55 10.01
CA ILE A 164 10.76 -14.73 10.10
C ILE A 164 11.93 -15.63 10.46
N SER A 165 12.97 -15.56 9.63
CA SER A 165 14.17 -16.32 9.87
C SER A 165 14.94 -15.73 11.04
N GLN A 166 15.77 -16.57 11.66
CA GLN A 166 16.64 -16.09 12.73
C GLN A 166 17.47 -14.93 12.25
N GLY A 167 18.01 -15.04 11.04
CA GLY A 167 18.77 -13.91 10.46
C GLY A 167 17.96 -12.61 10.45
N ALA A 168 16.72 -12.69 10.02
CA ALA A 168 15.86 -11.51 10.00
C ALA A 168 15.45 -11.03 11.39
N ALA A 169 15.25 -11.95 12.33
CA ALA A 169 14.96 -11.55 13.71
C ALA A 169 16.13 -10.71 14.26
N LYS A 170 17.36 -11.17 14.05
CA LYS A 170 18.55 -10.42 14.50
C LYS A 170 18.63 -9.07 13.84
N TYR A 171 18.39 -9.06 12.54
CA TYR A 171 18.48 -7.83 11.74
C TYR A 171 17.43 -6.83 12.21
N LEU A 172 16.19 -7.28 12.41
CA LEU A 172 15.12 -6.34 12.78
C LEU A 172 15.26 -5.83 14.22
N ILE A 173 15.68 -6.69 15.14
CA ILE A 173 15.95 -6.26 16.50
C ILE A 173 17.01 -5.16 16.49
N ALA A 174 18.12 -5.41 15.79
CA ALA A 174 19.20 -4.45 15.66
C ALA A 174 18.72 -3.15 15.03
N LEU A 175 17.94 -3.26 13.96
CA LEU A 175 17.40 -2.10 13.28
C LEU A 175 16.51 -1.26 14.18
N PHE A 176 15.55 -1.89 14.85
CA PHE A 176 14.61 -1.17 15.69
C PHE A 176 15.30 -0.52 16.89
N GLU A 177 16.27 -1.21 17.47
CA GLU A 177 17.08 -0.68 18.54
C GLU A 177 17.88 0.59 18.14
N LYS A 178 18.28 0.68 16.88
CA LYS A 178 19.11 1.79 16.38
C LYS A 178 18.29 2.98 15.86
N LEU A 179 17.02 2.78 15.51
CA LEU A 179 16.19 3.86 15.01
C LEU A 179 16.01 4.95 16.06
N THR A 180 16.15 6.20 15.62
CA THR A 180 15.93 7.34 16.50
C THR A 180 14.44 7.57 16.60
N THR A 181 14.05 8.37 17.57
CA THR A 181 12.64 8.71 17.74
C THR A 181 11.98 9.22 16.46
N GLU A 182 12.70 10.07 15.74
CA GLU A 182 12.18 10.66 14.48
C GLU A 182 11.96 9.62 13.39
N GLU A 183 12.83 8.60 13.37
CA GLU A 183 12.81 7.55 12.36
C GLU A 183 11.81 6.44 12.60
N ILE A 184 11.18 6.40 13.78
CA ILE A 184 10.18 5.39 14.07
C ILE A 184 9.01 5.51 13.12
N MET A 185 8.59 4.38 12.58
CA MET A 185 7.43 4.33 11.68
C MET A 185 6.64 3.08 12.03
N PRO A 186 5.41 3.00 11.53
CA PRO A 186 4.62 1.77 11.69
C PRO A 186 5.44 0.50 11.39
N ILE A 187 5.18 -0.54 12.16
CA ILE A 187 5.91 -1.79 12.02
C ILE A 187 5.94 -2.30 10.59
N ASP A 188 4.82 -2.19 9.87
CA ASP A 188 4.72 -2.72 8.52
C ASP A 188 5.68 -1.99 7.57
N GLU A 189 5.82 -0.67 7.79
CA GLU A 189 6.65 0.16 6.94
C GLU A 189 8.11 -0.19 7.20
N ILE A 190 8.46 -0.40 8.46
CA ILE A 190 9.83 -0.77 8.80
C ILE A 190 10.15 -2.18 8.25
N MET A 191 9.25 -3.12 8.43
CA MET A 191 9.54 -4.49 8.06
C MET A 191 9.55 -4.69 6.55
N PHE A 192 8.65 -4.04 5.84
CA PHE A 192 8.43 -4.44 4.46
C PHE A 192 8.95 -3.37 3.51
N ASN A 193 8.28 -2.23 3.48
CA ASN A 193 8.59 -1.16 2.54
C ASN A 193 10.03 -0.63 2.56
N GLN A 194 10.54 -0.32 3.73
CA GLN A 194 11.88 0.29 3.85
C GLN A 194 13.03 -0.67 3.51
N GLN A 195 12.76 -1.98 3.50
CA GLN A 195 13.79 -2.96 3.26
C GLN A 195 13.77 -3.52 1.84
N ILE A 196 12.99 -2.92 0.92
CA ILE A 196 12.86 -3.44 -0.44
C ILE A 196 14.21 -3.45 -1.20
N ASN A 197 15.01 -2.40 -1.03
CA ASN A 197 16.37 -2.37 -1.60
C ASN A 197 17.50 -2.61 -0.62
N ALA A 198 17.24 -3.29 0.50
CA ALA A 198 18.31 -3.63 1.46
C ALA A 198 19.17 -4.70 0.83
N THR A 199 20.45 -4.75 1.20
CA THR A 199 21.41 -5.58 0.46
C THR A 199 21.15 -7.08 0.71
N ASP A 200 20.88 -7.48 1.95
CA ASP A 200 20.67 -8.91 2.25
C ASP A 200 19.22 -9.26 2.59
N TYR A 201 18.46 -8.29 3.10
CA TYR A 201 17.14 -8.56 3.66
C TYR A 201 16.12 -8.69 2.56
N ARG A 202 15.47 -9.85 2.49
CA ARG A 202 14.48 -10.09 1.47
C ARG A 202 13.12 -10.31 2.08
N VAL A 203 12.10 -9.81 1.40
CA VAL A 203 10.76 -10.09 1.80
C VAL A 203 10.15 -10.95 0.72
N TYR A 204 9.80 -12.17 1.09
CA TYR A 204 9.13 -13.08 0.19
C TYR A 204 7.66 -13.03 0.50
N GLN A 205 6.86 -13.36 -0.53
CA GLN A 205 5.43 -13.37 -0.44
C GLN A 205 4.95 -14.69 -1.01
N LEU A 206 4.16 -15.42 -0.23
CA LEU A 206 3.57 -16.63 -0.69
C LEU A 206 2.40 -16.20 -1.59
N ASN A 207 2.35 -16.76 -2.79
CA ASN A 207 1.43 -16.31 -3.84
C ASN A 207 0.84 -17.49 -4.60
N PRO A 208 -0.45 -17.78 -4.39
CA PRO A 208 -1.37 -16.97 -3.60
C PRO A 208 -1.21 -17.14 -2.09
N ALA A 209 -1.70 -16.16 -1.35
CA ALA A 209 -1.60 -16.15 0.11
C ALA A 209 -2.41 -17.25 0.72
N ILE A 210 -2.09 -17.61 1.97
CA ILE A 210 -2.83 -18.66 2.67
C ILE A 210 -3.62 -18.19 3.85
N CYS A 211 -3.59 -16.90 4.14
CA CYS A 211 -4.44 -16.35 5.21
C CYS A 211 -4.78 -14.91 4.91
N VAL A 212 -5.74 -14.37 5.64
CA VAL A 212 -6.24 -13.02 5.40
C VAL A 212 -6.81 -12.48 6.71
N GLN A 213 -6.64 -11.19 6.95
CA GLN A 213 -7.27 -10.58 8.11
C GLN A 213 -8.78 -10.52 7.92
N GLU A 214 -9.52 -10.75 8.99
CA GLU A 214 -10.98 -10.61 9.03
C GLU A 214 -11.50 -9.33 8.34
N LEU A 215 -10.84 -8.20 8.60
CA LEU A 215 -11.20 -6.90 8.03
C LEU A 215 -10.89 -6.73 6.53
N VAL A 216 -9.79 -7.35 6.06
CA VAL A 216 -9.37 -7.24 4.65
C VAL A 216 -10.28 -8.04 3.68
N LEU A 217 -10.77 -9.20 4.13
CA LEU A 217 -11.76 -9.99 3.36
C LEU A 217 -13.04 -9.19 2.98
N ASN A 218 -13.36 -8.16 3.75
CA ASN A 218 -14.68 -7.51 3.74
C ASN A 218 -14.77 -6.34 2.75
N GLU B 5 -16.69 21.16 -23.67
CA GLU B 5 -15.33 21.65 -23.26
C GLU B 5 -14.56 20.53 -22.49
N ASN B 6 -13.34 20.23 -22.95
CA ASN B 6 -12.72 18.94 -22.62
C ASN B 6 -12.09 18.88 -21.24
N LYS B 7 -12.48 17.85 -20.49
CA LYS B 7 -11.97 17.61 -19.15
C LYS B 7 -11.01 16.39 -19.05
N ASN B 8 -11.03 15.52 -20.06
CA ASN B 8 -10.30 14.26 -20.02
C ASN B 8 -8.92 14.37 -20.69
N PHE B 9 -7.86 14.05 -19.93
CA PHE B 9 -6.52 14.09 -20.44
C PHE B 9 -5.86 12.75 -20.18
N VAL B 10 -5.22 12.21 -21.20
CA VAL B 10 -4.53 10.95 -21.09
C VAL B 10 -3.04 11.15 -21.22
N ILE B 11 -2.32 10.85 -20.14
CA ILE B 11 -0.86 10.98 -20.09
C ILE B 11 -0.25 9.84 -20.88
N SER B 12 0.54 10.18 -21.91
CA SER B 12 1.03 9.18 -22.85
C SER B 12 2.31 9.66 -23.51
N ILE B 13 3.35 8.83 -23.49
CA ILE B 13 4.58 9.16 -24.20
C ILE B 13 4.23 9.31 -25.69
N SER B 14 4.71 10.38 -26.31
CA SER B 14 4.28 10.73 -27.69
C SER B 14 4.51 9.61 -28.70
N THR B 15 5.57 8.84 -28.50
CA THR B 15 5.91 7.69 -29.36
C THR B 15 5.28 6.36 -28.98
N ALA B 16 4.39 6.35 -28.00
CA ALA B 16 3.80 5.10 -27.54
C ALA B 16 2.58 4.74 -28.41
N GLU B 17 2.86 4.35 -29.66
CA GLU B 17 1.83 4.22 -30.70
C GLU B 17 0.79 3.18 -30.40
N GLN B 18 1.22 2.05 -29.89
CA GLN B 18 0.35 0.93 -29.56
C GLN B 18 -0.65 1.29 -28.43
N ARG B 19 -0.14 1.92 -27.36
CA ARG B 19 -1.01 2.41 -26.29
C ARG B 19 -1.97 3.49 -26.82
N ARG B 20 -1.47 4.45 -27.60
CA ARG B 20 -2.31 5.53 -28.09
C ARG B 20 -3.43 5.02 -28.98
N ASN B 21 -3.14 4.01 -29.79
CA ASN B 21 -4.17 3.39 -30.62
C ASN B 21 -5.22 2.72 -29.77
N HIS B 22 -4.79 2.03 -28.72
CA HIS B 22 -5.75 1.40 -27.80
C HIS B 22 -6.61 2.45 -27.09
N ILE B 23 -5.99 3.56 -26.67
CA ILE B 23 -6.74 4.65 -26.03
C ILE B 23 -7.74 5.29 -27.00
N ILE B 24 -7.31 5.63 -28.22
CA ILE B 24 -8.19 6.20 -29.26
C ILE B 24 -9.39 5.31 -29.48
N GLU B 25 -9.12 4.04 -29.71
CA GLU B 25 -10.15 3.04 -29.91
C GLU B 25 -11.16 3.02 -28.78
N GLN B 26 -10.68 3.05 -27.55
CA GLN B 26 -11.57 2.93 -26.39
C GLN B 26 -12.44 4.14 -26.14
N PHE B 27 -11.84 5.31 -26.26
CA PHE B 27 -12.56 6.55 -26.03
C PHE B 27 -13.55 6.79 -27.19
N THR B 28 -13.12 6.61 -28.43
CA THR B 28 -14.03 6.84 -29.57
C THR B 28 -15.23 5.86 -29.56
N HIS B 29 -14.98 4.60 -29.26
CA HIS B 29 -16.05 3.58 -29.18
C HIS B 29 -17.12 3.87 -28.09
N GLN B 30 -16.79 4.65 -27.06
CA GLN B 30 -17.78 5.12 -26.10
C GLN B 30 -18.17 6.59 -26.31
N ASN B 31 -17.60 7.21 -27.34
CA ASN B 31 -17.87 8.61 -27.69
C ASN B 31 -17.51 9.56 -26.57
N ILE B 32 -16.31 9.38 -26.03
CA ILE B 32 -15.81 10.18 -24.92
C ILE B 32 -14.71 11.03 -25.47
N PRO B 33 -14.87 12.35 -25.43
CA PRO B 33 -13.79 13.20 -25.91
C PRO B 33 -12.61 13.19 -24.92
N PHE B 34 -11.42 13.44 -25.44
CA PHE B 34 -10.23 13.49 -24.61
C PHE B 34 -9.11 14.13 -25.40
N GLU B 35 -8.05 14.50 -24.72
CA GLU B 35 -6.81 14.89 -25.38
C GLU B 35 -5.68 14.08 -24.77
N PHE B 36 -4.65 13.82 -25.57
CA PHE B 36 -3.42 13.26 -25.07
C PHE B 36 -2.63 14.38 -24.43
N PHE B 37 -1.99 14.09 -23.31
CA PHE B 37 -0.97 14.97 -22.74
C PHE B 37 0.36 14.24 -22.94
N ASP B 38 1.28 14.87 -23.69
CA ASP B 38 2.60 14.29 -24.00
C ASP B 38 3.43 14.12 -22.74
N ALA B 39 3.61 12.86 -22.33
CA ALA B 39 4.25 12.56 -21.04
C ALA B 39 5.70 12.99 -21.04
N PHE B 40 6.17 13.48 -19.89
CA PHE B 40 7.57 13.82 -19.73
C PHE B 40 8.42 12.54 -19.67
N THR B 41 9.48 12.48 -20.46
CA THR B 41 10.41 11.37 -20.46
C THR B 41 11.83 11.86 -20.18
N PRO B 42 12.76 10.94 -19.91
CA PRO B 42 14.11 11.39 -19.59
C PRO B 42 14.68 12.19 -20.77
N SER B 43 15.04 13.44 -20.49
CA SER B 43 15.20 14.44 -21.53
C SER B 43 15.60 15.76 -20.91
N ASP B 44 16.05 16.67 -21.74
CA ASP B 44 16.41 18.01 -21.29
C ASP B 44 15.16 18.74 -20.79
N LYS B 45 14.04 18.50 -21.44
CA LYS B 45 12.79 19.15 -21.10
C LYS B 45 12.37 18.77 -19.68
N LEU B 46 12.45 17.48 -19.37
CA LEU B 46 12.08 17.00 -18.03
C LEU B 46 13.05 17.56 -17.01
N THR B 47 14.33 17.49 -17.32
CA THR B 47 15.35 18.06 -16.43
C THR B 47 15.05 19.52 -16.11
N ASP B 48 14.73 20.28 -17.14
CA ASP B 48 14.41 21.70 -17.00
C ASP B 48 13.14 21.90 -16.18
N HIS B 49 12.11 21.10 -16.43
CA HIS B 49 10.86 21.24 -15.68
C HIS B 49 11.06 20.90 -14.19
N LEU B 50 11.86 19.86 -13.93
CA LEU B 50 12.16 19.48 -12.55
C LEU B 50 12.87 20.64 -11.85
N GLN B 51 13.88 21.18 -12.52
CA GLN B 51 14.68 22.24 -11.92
C GLN B 51 13.81 23.47 -11.60
N ARG B 52 12.93 23.83 -12.52
CA ARG B 52 12.11 25.03 -12.35
C ARG B 52 10.94 24.81 -11.37
N TYR B 53 10.20 23.71 -11.51
CA TYR B 53 8.97 23.50 -10.72
C TYR B 53 9.12 22.64 -9.47
N LEU B 54 9.98 21.62 -9.52
CA LEU B 54 10.15 20.69 -8.38
C LEU B 54 11.63 20.41 -8.14
N PRO B 55 12.40 21.45 -7.77
CA PRO B 55 13.84 21.26 -7.63
C PRO B 55 14.20 20.14 -6.66
N ASN B 56 13.39 19.96 -5.63
CA ASN B 56 13.48 18.88 -4.65
CA ASN B 56 13.66 18.87 -4.67
C ASN B 56 13.47 17.46 -5.25
N VAL B 57 12.70 17.30 -6.33
CA VAL B 57 12.57 15.99 -6.97
C VAL B 57 13.76 15.69 -7.88
N ALA B 58 14.32 16.71 -8.52
CA ALA B 58 15.47 16.56 -9.41
C ALA B 58 16.62 15.86 -8.69
N ASN B 59 16.82 16.24 -7.42
CA ASN B 59 17.86 15.67 -6.56
C ASN B 59 17.57 14.28 -6.01
N ALA B 60 16.32 13.81 -6.08
CA ALA B 60 15.93 12.61 -5.39
C ALA B 60 16.44 11.39 -6.13
N ALA B 61 17.48 10.79 -5.60
CA ALA B 61 18.08 9.61 -6.21
C ALA B 61 17.21 8.36 -6.07
N GLN B 62 16.20 8.39 -5.21
CA GLN B 62 15.33 7.22 -5.01
C GLN B 62 14.34 6.91 -6.15
N LEU B 63 14.14 7.85 -7.08
CA LEU B 63 13.21 7.66 -8.21
C LEU B 63 13.99 7.54 -9.52
N THR B 64 13.51 6.72 -10.42
CA THR B 64 14.04 6.72 -11.78
C THR B 64 13.53 7.98 -12.47
N MET B 65 14.23 8.37 -13.54
CA MET B 65 13.86 9.56 -14.25
C MET B 65 12.48 9.36 -14.87
N GLY B 66 12.16 8.14 -15.27
CA GLY B 66 10.83 7.83 -15.75
C GLY B 66 9.75 8.09 -14.72
N GLU B 67 10.03 7.73 -13.47
CA GLU B 67 9.11 8.02 -12.36
C GLU B 67 8.99 9.52 -12.13
N LYS B 68 10.10 10.23 -12.28
CA LYS B 68 10.06 11.66 -12.19
C LYS B 68 9.23 12.28 -13.32
N GLY B 69 9.32 11.66 -14.49
CA GLY B 69 8.56 12.10 -15.65
C GLY B 69 7.07 11.93 -15.45
N CYS B 70 6.65 10.79 -14.92
CA CYS B 70 5.24 10.52 -14.64
C CYS B 70 4.74 11.55 -13.61
N LEU B 71 5.51 11.76 -12.55
CA LEU B 71 5.17 12.76 -11.53
C LEU B 71 4.98 14.15 -12.14
N MET B 72 5.91 14.54 -13.00
CA MET B 72 5.87 15.85 -13.62
C MET B 72 4.64 15.99 -14.49
N SER B 73 4.25 14.91 -15.14
CA SER B 73 3.10 14.94 -16.03
C SER B 73 1.81 15.21 -15.25
N HIS B 74 1.59 14.46 -14.18
CA HIS B 74 0.45 14.72 -13.28
C HIS B 74 0.47 16.15 -12.74
N PHE B 75 1.65 16.53 -12.26
CA PHE B 75 1.81 17.84 -11.64
C PHE B 75 1.49 18.98 -12.62
N MET B 76 1.99 18.89 -13.85
CA MET B 76 1.70 19.94 -14.83
C MET B 76 0.23 19.94 -15.24
N LEU B 77 -0.42 18.79 -15.23
CA LEU B 77 -1.84 18.76 -15.48
C LEU B 77 -2.64 19.43 -14.34
N TRP B 78 -2.20 19.23 -13.10
CA TRP B 78 -2.83 19.92 -11.97
C TRP B 78 -2.65 21.43 -12.15
N LYS B 79 -1.46 21.82 -12.56
CA LYS B 79 -1.13 23.22 -12.81
C LYS B 79 -2.04 23.80 -13.91
N LYS B 80 -2.28 23.01 -14.94
CA LYS B 80 -3.20 23.41 -16.00
C LYS B 80 -4.59 23.67 -15.45
N CYS B 81 -5.06 22.77 -14.58
CA CYS B 81 -6.34 22.98 -13.88
C CYS B 81 -6.42 24.36 -13.20
N ILE B 82 -5.37 24.75 -12.49
CA ILE B 82 -5.34 26.05 -11.83
C ILE B 82 -5.29 27.19 -12.89
N ASP B 83 -4.33 27.10 -13.81
CA ASP B 83 -4.04 28.21 -14.75
C ASP B 83 -5.23 28.52 -15.60
N GLU B 84 -5.92 27.49 -16.06
CA GLU B 84 -7.05 27.68 -16.95
C GLU B 84 -8.37 27.78 -16.18
N ASN B 85 -8.29 27.88 -14.86
CA ASN B 85 -9.47 27.95 -13.99
C ASN B 85 -10.53 26.91 -14.30
N LEU B 86 -10.12 25.66 -14.50
CA LEU B 86 -11.06 24.57 -14.74
C LEU B 86 -11.63 24.12 -13.39
N ASP B 87 -12.92 23.78 -13.38
CA ASP B 87 -13.57 23.31 -12.15
C ASP B 87 -12.92 22.01 -11.67
N TYR B 88 -12.71 21.12 -12.63
CA TYR B 88 -12.04 19.85 -12.38
C TYR B 88 -11.36 19.38 -13.68
N ILE B 89 -10.45 18.44 -13.52
CA ILE B 89 -9.80 17.81 -14.65
C ILE B 89 -9.79 16.32 -14.35
N THR B 90 -9.90 15.50 -15.38
CA THR B 90 -9.97 14.08 -15.22
C THR B 90 -8.72 13.51 -15.88
N LEU B 91 -7.89 12.84 -15.09
CA LEU B 91 -6.59 12.36 -15.60
C LEU B 91 -6.54 10.88 -15.72
N PHE B 92 -5.97 10.42 -16.82
CA PHE B 92 -5.74 9.00 -17.06
C PHE B 92 -4.31 8.75 -17.45
N GLU B 93 -3.88 7.51 -17.26
CA GLU B 93 -2.62 7.03 -17.80
C GLU B 93 -2.95 6.12 -19.00
N ASP B 94 -2.01 5.97 -19.92
CA ASP B 94 -2.37 5.49 -21.25
C ASP B 94 -2.48 4.00 -21.40
N ASP B 95 -2.53 3.29 -20.28
CA ASP B 95 -2.82 1.88 -20.28
C ASP B 95 -4.15 1.53 -19.62
N ILE B 96 -5.05 2.48 -19.39
CA ILE B 96 -6.36 2.10 -18.77
C ILE B 96 -7.24 1.44 -19.79
N LEU B 97 -8.14 0.62 -19.27
CA LEU B 97 -9.22 0.04 -20.03
C LEU B 97 -10.47 0.60 -19.41
N LEU B 98 -11.33 1.18 -20.26
CA LEU B 98 -12.59 1.71 -19.80
C LEU B 98 -13.63 0.61 -19.66
N GLY B 99 -14.32 0.61 -18.53
CA GLY B 99 -15.42 -0.29 -18.30
C GLY B 99 -16.63 0.10 -19.13
N GLU B 100 -17.71 -0.61 -18.89
CA GLU B 100 -18.84 -0.62 -19.82
C GLU B 100 -19.52 0.73 -19.98
N ASN B 101 -20.06 1.27 -18.89
CA ASN B 101 -20.86 2.50 -19.01
C ASN B 101 -20.08 3.76 -18.65
N ALA B 102 -18.78 3.75 -18.98
CA ALA B 102 -17.86 4.82 -18.60
C ALA B 102 -18.28 6.17 -19.19
N ASN B 103 -18.90 6.14 -20.36
CA ASN B 103 -19.36 7.40 -21.00
C ASN B 103 -20.36 8.23 -20.16
N LYS B 104 -21.11 7.60 -19.26
CA LYS B 104 -22.07 8.31 -18.40
C LYS B 104 -21.31 9.19 -17.41
N PHE B 105 -20.07 8.80 -17.12
CA PHE B 105 -19.21 9.55 -16.20
C PHE B 105 -18.25 10.50 -16.89
N LEU B 106 -17.76 10.15 -18.07
CA LEU B 106 -16.63 10.87 -18.68
C LEU B 106 -16.98 11.77 -19.87
N ALA B 107 -18.08 11.51 -20.55
CA ALA B 107 -18.52 12.39 -21.65
C ALA B 107 -19.38 13.53 -21.12
N GLU B 108 -19.90 13.37 -19.89
CA GLU B 108 -20.88 14.32 -19.31
C GLU B 108 -20.43 14.70 -17.90
N GLY B 109 -20.61 15.96 -17.52
CA GLY B 109 -20.10 16.47 -16.23
C GLY B 109 -21.15 16.86 -15.18
N ASP B 110 -22.43 16.92 -15.54
CA ASP B 110 -23.43 17.49 -14.62
C ASP B 110 -23.55 16.66 -13.34
N TRP B 111 -23.48 15.33 -13.48
CA TRP B 111 -23.46 14.44 -12.32
C TRP B 111 -22.44 14.88 -11.25
N LEU B 112 -21.29 15.42 -11.67
CA LEU B 112 -20.29 15.90 -10.71
C LEU B 112 -20.65 17.26 -10.16
N LYS B 113 -21.08 18.14 -11.05
CA LYS B 113 -21.40 19.53 -10.69
C LYS B 113 -22.55 19.63 -9.67
N VAL B 114 -23.49 18.73 -9.80
CA VAL B 114 -24.63 18.60 -8.90
C VAL B 114 -24.28 18.01 -7.52
N ARG B 115 -23.13 17.32 -7.47
CA ARG B 115 -22.71 16.62 -6.26
C ARG B 115 -21.65 17.38 -5.43
N PHE B 116 -20.80 18.17 -6.10
CA PHE B 116 -19.70 18.86 -5.45
C PHE B 116 -19.61 20.29 -5.90
N ASN B 117 -19.12 21.14 -5.01
CA ASN B 117 -18.54 22.40 -5.38
C ASN B 117 -17.05 22.19 -5.57
N PHE B 118 -16.53 22.77 -6.62
CA PHE B 118 -15.19 22.42 -7.08
C PHE B 118 -14.05 23.08 -6.35
N GLN B 119 -14.40 24.03 -5.49
CA GLN B 119 -13.44 24.52 -4.51
C GLN B 119 -13.33 23.60 -3.32
N GLU B 120 -14.23 22.63 -3.17
CA GLU B 120 -13.98 21.56 -2.19
C GLU B 120 -12.71 20.84 -2.66
N ILE B 121 -12.01 20.23 -1.71
CA ILE B 121 -10.72 19.61 -1.95
C ILE B 121 -10.91 18.09 -2.00
N PHE B 122 -10.99 17.56 -3.21
CA PHE B 122 -11.20 16.13 -3.37
C PHE B 122 -10.65 15.55 -4.68
N VAL B 123 -10.37 14.25 -4.61
CA VAL B 123 -10.12 13.42 -5.75
C VAL B 123 -11.19 12.35 -5.76
N LEU B 124 -11.70 12.03 -6.93
CA LEU B 124 -12.59 10.91 -7.08
C LEU B 124 -11.90 9.85 -7.94
N ARG B 125 -11.51 8.74 -7.34
CA ARG B 125 -10.81 7.70 -8.08
C ARG B 125 -11.82 6.95 -8.92
N LEU B 126 -11.47 6.72 -10.17
CA LEU B 126 -12.33 6.02 -11.11
C LEU B 126 -11.90 4.59 -11.36
N GLU B 127 -10.62 4.29 -11.07
CA GLU B 127 -10.08 2.96 -11.29
C GLU B 127 -10.25 2.06 -10.08
N THR B 128 -9.94 0.79 -10.27
CA THR B 128 -10.09 -0.22 -9.24
C THR B 128 -9.32 0.14 -7.99
N PHE B 129 -9.77 -0.36 -6.85
CA PHE B 129 -9.15 -0.08 -5.57
C PHE B 129 -8.56 -1.34 -4.92
N LEU B 130 -8.81 -2.51 -5.52
CA LEU B 130 -8.18 -3.75 -5.12
C LEU B 130 -6.99 -3.96 -6.01
N MET B 131 -5.81 -3.57 -5.53
CA MET B 131 -4.58 -3.59 -6.31
C MET B 131 -3.49 -4.33 -5.55
N PRO B 132 -2.86 -5.34 -6.19
CA PRO B 132 -1.76 -6.03 -5.50
C PRO B 132 -0.53 -5.16 -5.40
N VAL B 133 0.27 -5.38 -4.37
CA VAL B 133 1.63 -4.89 -4.38
C VAL B 133 2.37 -5.52 -5.58
N GLN B 134 3.48 -4.91 -5.95
CA GLN B 134 4.31 -5.45 -7.04
C GLN B 134 5.26 -6.56 -6.52
N LEU B 135 5.06 -7.76 -7.07
CA LEU B 135 5.84 -8.95 -6.77
C LEU B 135 6.70 -9.30 -7.98
N GLU B 136 7.94 -9.75 -7.74
CA GLU B 136 8.83 -10.34 -8.76
C GLU B 136 8.88 -11.86 -8.60
N LYS B 137 8.90 -12.54 -9.73
CA LYS B 137 9.14 -13.98 -9.73
C LYS B 137 10.61 -14.26 -9.39
N GLN B 138 10.86 -15.42 -8.81
CA GLN B 138 12.24 -15.90 -8.68
C GLN B 138 12.25 -17.40 -8.94
N THR B 139 13.40 -17.88 -9.39
CA THR B 139 13.54 -19.21 -9.94
C THR B 139 14.37 -20.16 -9.09
N GLN B 140 15.05 -19.64 -8.07
CA GLN B 140 16.01 -20.45 -7.31
C GLN B 140 15.34 -21.28 -6.22
N ILE B 141 14.32 -20.71 -5.59
CA ILE B 141 13.54 -21.42 -4.58
C ILE B 141 12.27 -21.94 -5.23
N PRO B 142 12.09 -23.27 -5.28
CA PRO B 142 10.90 -23.77 -5.97
C PRO B 142 9.57 -23.48 -5.27
N PRO B 143 8.48 -23.43 -6.05
CA PRO B 143 7.14 -23.30 -5.45
C PRO B 143 6.83 -24.48 -4.56
N PHE B 144 5.78 -24.33 -3.75
CA PHE B 144 5.29 -25.40 -2.91
C PHE B 144 3.77 -25.43 -2.94
N GLN B 145 3.21 -26.61 -3.22
CA GLN B 145 1.75 -26.79 -3.28
C GLN B 145 1.12 -25.77 -4.22
N GLN B 146 1.72 -25.62 -5.39
CA GLN B 146 1.28 -24.67 -6.40
C GLN B 146 1.16 -23.21 -5.92
N ARG B 147 2.03 -22.84 -4.98
CA ARG B 147 2.15 -21.45 -4.58
C ARG B 147 3.57 -21.00 -4.79
N ASP B 148 3.69 -19.89 -5.50
CA ASP B 148 4.98 -19.33 -5.79
C ASP B 148 5.51 -18.60 -4.58
N ILE B 149 6.82 -18.49 -4.52
CA ILE B 149 7.49 -17.70 -3.51
C ILE B 149 8.07 -16.55 -4.26
N ASP B 150 7.37 -15.41 -4.21
CA ASP B 150 7.73 -14.24 -4.97
C ASP B 150 8.44 -13.30 -4.05
N ILE B 151 9.13 -12.34 -4.64
CA ILE B 151 9.84 -11.32 -3.90
C ILE B 151 9.01 -10.02 -3.97
N LEU B 152 8.72 -9.43 -2.82
CA LEU B 152 8.17 -8.07 -2.81
C LEU B 152 9.18 -7.07 -3.38
N THR B 153 8.78 -6.33 -4.41
CA THR B 153 9.66 -5.25 -4.91
C THR B 153 9.11 -3.85 -4.89
N SER B 154 7.81 -3.66 -4.67
CA SER B 154 7.33 -2.33 -4.26
C SER B 154 5.85 -2.30 -3.97
N MET B 155 5.45 -1.24 -3.28
CA MET B 155 4.05 -0.97 -3.01
C MET B 155 3.57 -0.11 -4.18
N ASP B 156 2.58 -0.58 -4.89
CA ASP B 156 2.13 0.04 -6.11
C ASP B 156 0.69 0.49 -5.94
N TRP B 157 0.40 1.74 -6.27
CA TRP B 157 -0.96 2.24 -6.22
C TRP B 157 -1.31 2.88 -7.56
N GLY B 158 -2.58 2.87 -7.93
CA GLY B 158 -2.99 3.37 -9.25
C GLY B 158 -3.17 4.86 -9.25
N THR B 159 -2.61 5.54 -10.27
CA THR B 159 -2.88 6.94 -10.57
C THR B 159 -3.28 7.01 -12.02
N ALA B 160 -3.98 5.95 -12.46
CA ALA B 160 -4.29 5.78 -13.86
C ALA B 160 -5.67 6.34 -14.26
N GLY B 161 -6.51 6.72 -13.30
CA GLY B 161 -7.82 7.28 -13.64
C GLY B 161 -8.49 7.95 -12.47
N TYR B 162 -8.51 9.28 -12.48
CA TYR B 162 -9.11 10.04 -11.38
C TYR B 162 -9.54 11.43 -11.77
N VAL B 163 -10.59 11.90 -11.09
CA VAL B 163 -11.02 13.27 -11.19
C VAL B 163 -10.38 14.04 -10.05
N ILE B 164 -9.86 15.22 -10.36
CA ILE B 164 -9.31 16.10 -9.34
C ILE B 164 -9.98 17.47 -9.44
N SER B 165 -10.54 17.92 -8.33
CA SER B 165 -11.14 19.24 -8.25
C SER B 165 -10.07 20.31 -8.23
N GLN B 166 -10.45 21.52 -8.63
CA GLN B 166 -9.52 22.64 -8.56
C GLN B 166 -8.94 22.80 -7.16
N GLY B 167 -9.80 22.67 -6.16
CA GLY B 167 -9.33 22.73 -4.77
C GLY B 167 -8.23 21.72 -4.47
N ALA B 168 -8.43 20.49 -4.93
CA ALA B 168 -7.42 19.46 -4.72
C ALA B 168 -6.15 19.66 -5.55
N ALA B 169 -6.29 20.21 -6.76
CA ALA B 169 -5.11 20.56 -7.55
C ALA B 169 -4.24 21.54 -6.80
N LYS B 170 -4.83 22.59 -6.21
CA LYS B 170 -4.08 23.58 -5.43
C LYS B 170 -3.39 22.91 -4.26
N TYR B 171 -4.15 22.06 -3.56
CA TYR B 171 -3.64 21.37 -2.37
C TYR B 171 -2.45 20.47 -2.74
N LEU B 172 -2.60 19.68 -3.80
CA LEU B 172 -1.53 18.75 -4.17
C LEU B 172 -0.28 19.44 -4.72
N ILE B 173 -0.46 20.49 -5.50
CA ILE B 173 0.68 21.27 -5.99
C ILE B 173 1.46 21.83 -4.78
N ALA B 174 0.77 22.43 -3.83
CA ALA B 174 1.41 22.97 -2.62
C ALA B 174 2.11 21.88 -1.82
N LEU B 175 1.45 20.73 -1.66
CA LEU B 175 2.04 19.59 -0.97
C LEU B 175 3.35 19.14 -1.65
N PHE B 176 3.28 18.91 -2.97
CA PHE B 176 4.43 18.36 -3.68
C PHE B 176 5.60 19.36 -3.69
N GLU B 177 5.28 20.65 -3.83
CA GLU B 177 6.26 21.72 -3.75
C GLU B 177 7.01 21.77 -2.41
N LYS B 178 6.33 21.41 -1.32
CA LYS B 178 6.90 21.51 0.03
C LYS B 178 7.64 20.27 0.49
N LEU B 179 7.43 19.12 -0.16
CA LEU B 179 8.17 17.92 0.18
C LEU B 179 9.67 18.10 -0.01
N THR B 180 10.44 17.64 0.95
CA THR B 180 11.91 17.70 0.86
C THR B 180 12.36 16.54 0.01
N THR B 181 13.61 16.60 -0.44
CA THR B 181 14.17 15.55 -1.26
C THR B 181 14.06 14.17 -0.59
N GLU B 182 14.28 14.13 0.72
CA GLU B 182 14.18 12.88 1.50
C GLU B 182 12.76 12.28 1.50
N GLU B 183 11.75 13.15 1.48
CA GLU B 183 10.34 12.75 1.50
C GLU B 183 9.78 12.32 0.14
N ILE B 184 10.51 12.60 -0.95
CA ILE B 184 10.03 12.26 -2.28
C ILE B 184 9.94 10.77 -2.43
N MET B 185 8.83 10.33 -3.00
CA MET B 185 8.62 8.94 -3.37
C MET B 185 7.87 8.98 -4.69
N PRO B 186 7.69 7.82 -5.36
CA PRO B 186 6.87 7.83 -6.58
C PRO B 186 5.51 8.50 -6.35
N ILE B 187 4.96 9.14 -7.37
CA ILE B 187 3.71 9.88 -7.22
C ILE B 187 2.57 9.05 -6.60
N ASP B 188 2.46 7.81 -6.99
CA ASP B 188 1.42 6.93 -6.49
C ASP B 188 1.57 6.66 -5.01
N GLU B 189 2.80 6.56 -4.53
CA GLU B 189 3.05 6.32 -3.10
CA GLU B 189 3.01 6.30 -3.12
C GLU B 189 2.74 7.58 -2.32
N ILE B 190 3.12 8.74 -2.86
CA ILE B 190 2.79 10.01 -2.20
C ILE B 190 1.29 10.18 -2.12
N MET B 191 0.59 9.85 -3.19
CA MET B 191 -0.87 10.05 -3.17
C MET B 191 -1.54 9.02 -2.27
N PHE B 192 -1.08 7.77 -2.33
CA PHE B 192 -1.57 6.72 -1.40
C PHE B 192 -1.46 7.12 0.07
N ASN B 193 -0.30 7.65 0.44
CA ASN B 193 -0.06 8.11 1.81
C ASN B 193 -0.86 9.35 2.22
N GLN B 194 -1.36 10.15 1.27
CA GLN B 194 -2.26 11.24 1.56
C GLN B 194 -3.70 10.82 1.87
N GLN B 195 -4.05 9.57 1.62
CA GLN B 195 -5.42 9.13 1.79
C GLN B 195 -5.69 8.80 3.27
N ILE B 196 -5.83 9.84 4.11
CA ILE B 196 -6.07 9.66 5.57
C ILE B 196 -7.28 10.49 6.04
N ASN B 197 -7.80 10.22 7.24
CA ASN B 197 -9.01 10.93 7.70
C ASN B 197 -8.76 12.32 8.32
N ALA B 198 -7.58 12.52 8.92
CA ALA B 198 -7.29 13.81 9.58
C ALA B 198 -6.70 14.83 8.59
N THR B 199 -7.47 15.23 7.58
CA THR B 199 -7.04 16.28 6.63
C THR B 199 -8.27 16.88 5.95
N ASP B 200 -8.07 18.01 5.28
CA ASP B 200 -9.06 18.59 4.37
C ASP B 200 -9.10 17.90 2.98
N TYR B 201 -8.06 17.14 2.65
CA TYR B 201 -7.99 16.40 1.40
C TYR B 201 -8.83 15.15 1.51
N ARG B 202 -9.86 15.03 0.69
CA ARG B 202 -10.72 13.86 0.75
C ARG B 202 -10.61 13.04 -0.53
N VAL B 203 -10.55 11.73 -0.40
CA VAL B 203 -10.44 10.88 -1.56
C VAL B 203 -11.66 10.03 -1.61
N TYR B 204 -12.42 10.15 -2.70
CA TYR B 204 -13.60 9.31 -2.90
C TYR B 204 -13.22 8.23 -3.89
N GLN B 205 -13.95 7.14 -3.84
CA GLN B 205 -13.77 6.01 -4.72
C GLN B 205 -15.11 5.63 -5.36
N LEU B 206 -15.13 5.56 -6.68
CA LEU B 206 -16.28 5.05 -7.40
C LEU B 206 -16.34 3.55 -7.22
N ASN B 207 -17.48 3.03 -6.77
CA ASN B 207 -17.58 1.63 -6.38
C ASN B 207 -18.89 0.99 -6.87
N PRO B 208 -18.85 0.11 -7.87
CA PRO B 208 -17.60 -0.41 -8.47
C PRO B 208 -16.93 0.56 -9.42
N ALA B 209 -15.64 0.35 -9.65
CA ALA B 209 -14.84 1.22 -10.50
C ALA B 209 -15.29 1.14 -11.93
N ILE B 210 -14.92 2.14 -12.72
CA ILE B 210 -15.31 2.20 -14.12
C ILE B 210 -14.16 2.03 -15.08
N CYS B 211 -12.94 1.87 -14.56
CA CYS B 211 -11.80 1.54 -15.40
C CYS B 211 -10.75 0.76 -14.62
N VAL B 212 -9.80 0.19 -15.35
CA VAL B 212 -8.73 -0.61 -14.75
C VAL B 212 -7.51 -0.59 -15.65
N GLN B 213 -6.33 -0.59 -15.05
CA GLN B 213 -5.07 -0.71 -15.79
C GLN B 213 -5.00 -2.05 -16.49
N GLU B 214 -4.49 -2.05 -17.71
CA GLU B 214 -4.42 -3.25 -18.56
C GLU B 214 -3.74 -4.46 -17.92
N LEU B 215 -2.56 -4.26 -17.34
CA LEU B 215 -1.82 -5.38 -16.71
C LEU B 215 -1.34 -4.99 -15.31
N1 UDP C . -2.53 -5.40 19.55
C2 UDP C . -1.45 -5.20 20.47
N3 UDP C . -1.56 -4.23 21.38
C4 UDP C . -2.64 -3.44 21.46
C5 UDP C . -3.71 -3.58 20.56
C6 UDP C . -3.62 -4.59 19.59
O2 UDP C . -0.41 -5.91 20.45
O4 UDP C . -2.67 -2.57 22.34
C1' UDP C . -2.42 -6.46 18.55
C2' UDP C . -3.65 -7.35 18.51
O2' UDP C . -3.64 -8.29 19.61
C3' UDP C . -3.50 -7.99 17.16
C4' UDP C . -2.73 -6.95 16.32
O4' UDP C . -2.29 -5.93 17.23
O3' UDP C . -2.70 -9.19 17.27
C5' UDP C . -3.59 -6.36 15.21
O5' UDP C . -4.70 -5.67 15.75
PA UDP C . -5.84 -5.13 14.73
O1A UDP C . -6.87 -4.55 15.67
O2A UDP C . -6.17 -6.27 13.78
O3A UDP C . -5.24 -3.86 13.94
PB UDP C . -4.59 -3.68 12.46
O1B UDP C . -5.55 -2.64 11.90
O2B UDP C . -4.51 -4.93 11.66
O3B UDP C . -3.19 -3.13 12.66
MG MG D . -5.81 -6.61 11.66
MG MG E . -1.40 -3.89 11.65
MG MG F . 1.19 3.40 5.69
N1 UDP G . 5.31 7.89 -18.03
C2 UDP G . 5.93 9.14 -18.05
N3 UDP G . 7.25 9.21 -18.30
C4 UDP G . 7.98 8.11 -18.50
C5 UDP G . 7.40 6.84 -18.45
C6 UDP G . 6.04 6.76 -18.22
O2 UDP G . 5.29 10.21 -17.86
O4 UDP G . 9.20 8.20 -18.74
C1' UDP G . 3.89 7.75 -17.79
C2' UDP G . 3.25 6.94 -18.94
O2' UDP G . 2.95 7.74 -20.11
C3' UDP G . 2.00 6.42 -18.26
C4' UDP G . 2.38 6.37 -16.79
O4' UDP G . 3.65 6.98 -16.63
O3' UDP G . 0.93 7.35 -18.42
C5' UDP G . 2.49 4.96 -16.27
O5' UDP G . 3.33 4.25 -17.17
PA UDP G . 3.45 2.67 -17.03
O1A UDP G . 2.09 2.02 -16.89
O2A UDP G . 4.47 2.33 -18.09
O3A UDP G . 4.12 2.63 -15.57
PB UDP G . 3.61 1.82 -14.26
O1B UDP G . 2.10 1.78 -14.23
O2B UDP G . 4.36 0.58 -14.69
O3B UDP G . 4.16 2.60 -13.09
MG MG H . 0.48 1.34 -15.61
MG MG I . 1.83 4.27 -11.40
#